data_5CLD
#
_entry.id   5CLD
#
_cell.length_a   38.202
_cell.length_b   92.826
_cell.length_c   48.309
_cell.angle_alpha   90.000
_cell.angle_beta   113.710
_cell.angle_gamma   90.000
#
_symmetry.space_group_name_H-M   'P 1 21 1'
#
loop_
_entity.id
_entity.type
_entity.pdbx_description
1 polymer AlkD
2 polymer "DNA (5'-D(*CP*CP*CP*GP*AP*(NRI)P*AP*GP*TP*CP*CP*G)-3')"
3 polymer "DNA (5'-D(*CP*GP*GP*AP*CP*TP*TP*TP*CP*GP*GP*G)-3')"
4 non-polymer 3-METHYL-3H-PURIN-6-YLAMINE
5 water water
#
loop_
_entity_poly.entity_id
_entity_poly.type
_entity_poly.pdbx_seq_one_letter_code
_entity_poly.pdbx_strand_id
1 'polypeptide(L)'
;GPVPMHPFVKALQEHFTAHQNPEKAEPMARYMKNHFLFLGIQTPERRQLLKDIIQIHTLPDQKDFQIIIRELWDLPEREF
QAAALDIMQKYKKHINETHIPFLEELIVTKSWWDSVDSIVPTFLGDIFLKHPELISAYIPKWIASDNIWLQRAAILFQLK
YKQKMDEELLFWIIGQLHSSKEFFIQKAIGWVLREYAKTNPDVVWEYVQNNELAPLSKREAIKHIKQNYGINNEKIGETL
S
;
A
2 'polydeoxyribonucleotide' (DC)(DC)(DC)(DG)(DA)(NRI)(DA)(DG)(DT)(DC)(DC)(DG) B
3 'polydeoxyribonucleotide' (DC)(DG)(DG)(DA)(DC)(DT)(DT)(DT)(DC)(DG)(DG)(DG) C
#
loop_
_chem_comp.id
_chem_comp.type
_chem_comp.name
_chem_comp.formula
ADK non-polymer 3-METHYL-3H-PURIN-6-YLAMINE 'C6 H7 N5'
DA DNA linking 2'-DEOXYADENOSINE-5'-MONOPHOSPHATE 'C10 H14 N5 O6 P'
DC DNA linking 2'-DEOXYCYTIDINE-5'-MONOPHOSPHATE 'C9 H14 N3 O7 P'
DG DNA linking 2'-DEOXYGUANOSINE-5'-MONOPHOSPHATE 'C10 H14 N5 O7 P'
DT DNA linking THYMIDINE-5'-MONOPHOSPHATE 'C10 H15 N2 O8 P'
NRI DNA linking 'PHOSPHORIC ACID MONO-(4-HYDROXY-PYRROLIDIN-3-YLMETHYL) ESTER' 'C5 H12 N O5 P'
#
# COMPACT_ATOMS: atom_id res chain seq x y z
N VAL A 3 -11.49 24.99 -15.29
CA VAL A 3 -11.31 23.81 -16.12
C VAL A 3 -12.15 22.65 -15.61
N PRO A 4 -13.00 22.09 -16.49
CA PRO A 4 -13.87 20.98 -16.06
C PRO A 4 -13.07 19.74 -15.69
N MET A 5 -13.69 18.92 -14.84
CA MET A 5 -13.20 17.58 -14.54
C MET A 5 -12.92 16.82 -15.84
N HIS A 6 -11.88 16.00 -15.86
CA HIS A 6 -11.58 15.20 -17.05
C HIS A 6 -12.81 14.34 -17.39
N PRO A 7 -13.18 14.28 -18.68
CA PRO A 7 -14.42 13.56 -19.04
C PRO A 7 -14.43 12.10 -18.62
N PHE A 8 -13.27 11.46 -18.57
CA PHE A 8 -13.22 10.07 -18.13
C PHE A 8 -13.59 9.97 -16.67
N VAL A 9 -13.07 10.88 -15.87
CA VAL A 9 -13.38 10.92 -14.44
C VAL A 9 -14.85 11.28 -14.21
N LYS A 10 -15.37 12.24 -14.95
CA LYS A 10 -16.78 12.60 -14.84
C LYS A 10 -17.66 11.41 -15.17
N ALA A 11 -17.31 10.68 -16.23
CA ALA A 11 -18.08 9.49 -16.62
C ALA A 11 -18.04 8.41 -15.54
N LEU A 12 -16.87 8.21 -14.94
CA LEU A 12 -16.72 7.22 -13.90
C LEU A 12 -17.57 7.62 -12.69
N GLN A 13 -17.50 8.89 -12.33
CA GLN A 13 -18.27 9.40 -11.20
C GLN A 13 -19.77 9.19 -11.41
N GLU A 14 -20.25 9.51 -12.60
CA GLU A 14 -21.66 9.35 -12.91
C GLU A 14 -22.08 7.88 -12.82
N HIS A 15 -21.25 6.99 -13.36
CA HIS A 15 -21.61 5.58 -13.47
C HIS A 15 -21.53 4.90 -12.11
N PHE A 16 -20.49 5.19 -11.33
CA PHE A 16 -20.44 4.68 -9.96
C PHE A 16 -21.64 5.18 -9.15
N THR A 17 -21.94 6.47 -9.24
CA THR A 17 -23.00 7.04 -8.40
C THR A 17 -24.37 6.42 -8.72
N ALA A 18 -24.59 6.10 -9.99
CA ALA A 18 -25.83 5.47 -10.43
C ALA A 18 -26.01 4.05 -9.86
N HIS A 19 -24.93 3.47 -9.36
CA HIS A 19 -24.98 2.12 -8.82
C HIS A 19 -24.63 2.07 -7.34
N GLN A 20 -24.80 3.20 -6.65
CA GLN A 20 -24.44 3.28 -5.25
C GLN A 20 -25.39 2.45 -4.40
N ASN A 21 -24.90 2.00 -3.26
CA ASN A 21 -25.68 1.16 -2.36
C ASN A 21 -25.51 1.70 -0.94
N PRO A 22 -26.42 2.57 -0.50
CA PRO A 22 -26.24 3.21 0.82
C PRO A 22 -26.27 2.21 1.97
N GLU A 23 -26.95 1.10 1.77
CA GLU A 23 -27.06 0.06 2.79
C GLU A 23 -25.70 -0.59 3.04
N LYS A 24 -24.99 -0.88 1.95
CA LYS A 24 -23.65 -1.46 2.05
C LYS A 24 -22.62 -0.41 2.44
N ALA A 25 -22.85 0.83 2.04
CA ALA A 25 -21.91 1.91 2.33
C ALA A 25 -21.67 2.08 3.82
N GLU A 26 -22.70 1.88 4.64
CA GLU A 26 -22.57 2.14 6.07
C GLU A 26 -21.56 1.17 6.71
N PRO A 27 -21.70 -0.16 6.54
CA PRO A 27 -20.66 -1.02 7.14
C PRO A 27 -19.30 -0.88 6.47
N MET A 28 -19.27 -0.60 5.17
CA MET A 28 -17.98 -0.41 4.49
C MET A 28 -17.25 0.80 5.09
N ALA A 29 -17.98 1.86 5.36
CA ALA A 29 -17.34 3.05 5.92
C ALA A 29 -16.90 2.79 7.37
N ARG A 30 -17.70 2.06 8.13
CA ARG A 30 -17.36 1.73 9.51
C ARG A 30 -16.08 0.89 9.58
N TYR A 31 -15.90 0.01 8.59
CA TYR A 31 -14.75 -0.87 8.55
C TYR A 31 -13.44 -0.08 8.42
N MET A 32 -13.52 1.06 7.75
CA MET A 32 -12.38 1.98 7.63
C MET A 32 -12.46 3.09 8.68
N LYS A 33 -13.14 2.78 9.78
CA LYS A 33 -13.19 3.66 10.95
C LYS A 33 -13.72 5.05 10.60
N ASN A 34 -14.62 5.07 9.62
CA ASN A 34 -15.32 6.27 9.15
C ASN A 34 -14.39 7.41 8.78
N HIS A 35 -13.22 7.07 8.27
CA HIS A 35 -12.33 8.09 7.73
C HIS A 35 -12.75 8.58 6.36
N PHE A 36 -13.60 7.80 5.69
CA PHE A 36 -14.05 8.11 4.33
C PHE A 36 -15.53 7.87 4.16
N LEU A 37 -16.13 8.69 3.31
CA LEU A 37 -17.42 8.33 2.73
C LEU A 37 -17.25 7.16 1.76
N PHE A 38 -18.29 6.33 1.64
CA PHE A 38 -18.34 5.25 0.64
C PHE A 38 -19.62 5.37 -0.18
N LEU A 39 -19.55 4.96 -1.44
CA LEU A 39 -20.76 4.78 -2.24
C LEU A 39 -21.46 3.45 -1.94
N GLY A 40 -20.68 2.46 -1.51
CA GLY A 40 -21.20 1.14 -1.19
C GLY A 40 -21.03 0.12 -2.30
N ILE A 41 -19.98 0.28 -3.12
CA ILE A 41 -19.73 -0.60 -4.25
C ILE A 41 -18.50 -1.43 -3.95
N GLN A 42 -18.68 -2.74 -3.87
CA GLN A 42 -17.55 -3.63 -3.55
C GLN A 42 -16.74 -3.94 -4.81
N THR A 43 -15.59 -4.58 -4.63
CA THR A 43 -14.60 -4.65 -5.69
C THR A 43 -15.06 -5.33 -6.98
N PRO A 44 -15.79 -6.45 -6.91
CA PRO A 44 -16.17 -7.05 -8.19
C PRO A 44 -17.02 -6.12 -9.06
N GLU A 45 -18.02 -5.48 -8.49
CA GLU A 45 -18.82 -4.57 -9.30
C GLU A 45 -18.03 -3.32 -9.67
N ARG A 46 -17.22 -2.81 -8.75
CA ARG A 46 -16.47 -1.60 -9.00
C ARG A 46 -15.53 -1.79 -10.19
N ARG A 47 -14.91 -2.97 -10.27
CA ARG A 47 -14.05 -3.30 -11.41
C ARG A 47 -14.85 -3.35 -12.70
N GLN A 48 -16.07 -3.90 -12.63
CA GLN A 48 -16.90 -3.97 -13.83
C GLN A 48 -17.34 -2.58 -14.29
N LEU A 49 -17.71 -1.72 -13.35
CA LEU A 49 -18.15 -0.37 -13.71
C LEU A 49 -17.00 0.41 -14.36
N LEU A 50 -15.78 0.21 -13.88
CA LEU A 50 -14.62 0.83 -14.51
C LEU A 50 -14.44 0.30 -15.93
N LYS A 51 -14.54 -1.01 -16.08
CA LYS A 51 -14.45 -1.66 -17.37
C LYS A 51 -15.47 -1.09 -18.34
N ASP A 52 -16.69 -0.86 -17.85
CA ASP A 52 -17.75 -0.26 -18.67
C ASP A 52 -17.32 1.06 -19.29
N ILE A 53 -16.70 1.90 -18.46
CA ILE A 53 -16.31 3.23 -18.90
C ILE A 53 -15.12 3.15 -19.85
N ILE A 54 -14.18 2.24 -19.61
CA ILE A 54 -13.08 2.06 -20.54
C ILE A 54 -13.61 1.56 -21.89
N GLN A 55 -14.58 0.67 -21.87
CA GLN A 55 -15.17 0.17 -23.10
C GLN A 55 -15.82 1.26 -23.94
N ILE A 56 -16.51 2.19 -23.28
CA ILE A 56 -17.21 3.27 -23.98
C ILE A 56 -16.24 4.37 -24.42
N HIS A 57 -15.35 4.77 -23.52
CA HIS A 57 -14.55 5.97 -23.75
C HIS A 57 -13.11 5.72 -24.19
N THR A 58 -12.64 4.50 -23.98
CA THR A 58 -11.23 4.08 -24.08
C THR A 58 -10.44 4.66 -22.92
N LEU A 59 -9.33 4.02 -22.59
CA LEU A 59 -8.45 4.53 -21.56
C LEU A 59 -7.78 5.79 -22.08
N PRO A 60 -7.79 6.87 -21.27
CA PRO A 60 -7.20 8.14 -21.69
C PRO A 60 -5.72 8.00 -22.09
N ASP A 61 -5.27 8.87 -22.98
CA ASP A 61 -3.87 8.93 -23.37
C ASP A 61 -3.01 9.10 -22.11
N GLN A 62 -1.80 8.53 -22.16
CA GLN A 62 -0.93 8.53 -20.98
C GLN A 62 -0.61 9.94 -20.49
N LYS A 63 -0.72 10.95 -21.37
CA LYS A 63 -0.43 12.32 -20.97
C LYS A 63 -1.35 12.77 -19.83
N ASP A 64 -2.50 12.10 -19.70
CA ASP A 64 -3.52 12.42 -18.70
C ASP A 64 -3.48 11.52 -17.46
N PHE A 65 -2.55 10.57 -17.41
CA PHE A 65 -2.55 9.54 -16.36
C PHE A 65 -2.53 10.16 -14.96
N GLN A 66 -1.52 10.97 -14.68
CA GLN A 66 -1.38 11.57 -13.36
C GLN A 66 -2.56 12.49 -13.02
N ILE A 67 -3.08 13.19 -14.03
CA ILE A 67 -4.23 14.08 -13.85
C ILE A 67 -5.47 13.29 -13.41
N ILE A 68 -5.74 12.18 -14.09
CA ILE A 68 -6.88 11.31 -13.77
C ILE A 68 -6.78 10.79 -12.35
N ILE A 69 -5.59 10.32 -11.98
CA ILE A 69 -5.37 9.77 -10.65
C ILE A 69 -5.63 10.83 -9.57
N ARG A 70 -5.05 12.02 -9.75
CA ARG A 70 -5.27 13.10 -8.80
C ARG A 70 -6.75 13.48 -8.68
N GLU A 71 -7.45 13.58 -9.80
CA GLU A 71 -8.84 13.99 -9.74
C GLU A 71 -9.68 12.95 -9.00
N LEU A 72 -9.37 11.68 -9.22
CA LEU A 72 -10.08 10.63 -8.49
C LEU A 72 -9.68 10.65 -7.01
N TRP A 73 -8.41 10.91 -6.73
CA TRP A 73 -7.95 10.99 -5.34
C TRP A 73 -8.69 12.08 -4.58
N ASP A 74 -9.08 13.13 -5.29
CA ASP A 74 -9.70 14.29 -4.65
C ASP A 74 -11.20 14.12 -4.42
N LEU A 75 -11.80 13.10 -5.04
CA LEU A 75 -13.23 12.86 -4.84
C LEU A 75 -13.46 12.24 -3.47
N PRO A 76 -14.64 12.50 -2.87
CA PRO A 76 -14.83 12.12 -1.46
C PRO A 76 -14.95 10.61 -1.20
N GLU A 77 -15.65 9.88 -2.07
CA GLU A 77 -15.94 8.49 -1.76
C GLU A 77 -14.74 7.58 -2.04
N ARG A 78 -14.55 6.60 -1.16
CA ARG A 78 -13.32 5.82 -1.18
C ARG A 78 -13.21 4.97 -2.44
N GLU A 79 -14.34 4.58 -3.02
CA GLU A 79 -14.28 3.81 -4.26
C GLU A 79 -13.52 4.52 -5.37
N PHE A 80 -13.46 5.84 -5.32
CA PHE A 80 -12.73 6.54 -6.37
C PHE A 80 -11.23 6.41 -6.21
N GLN A 81 -10.74 6.29 -4.98
CA GLN A 81 -9.33 6.02 -4.80
C GLN A 81 -9.03 4.56 -5.17
N ALA A 82 -9.95 3.64 -4.86
CA ALA A 82 -9.74 2.26 -5.26
C ALA A 82 -9.71 2.15 -6.78
N ALA A 83 -10.61 2.86 -7.46
CA ALA A 83 -10.61 2.89 -8.91
C ALA A 83 -9.34 3.53 -9.47
N ALA A 84 -8.87 4.59 -8.82
CA ALA A 84 -7.62 5.25 -9.21
C ALA A 84 -6.48 4.24 -9.22
N LEU A 85 -6.44 3.38 -8.21
CA LEU A 85 -5.36 2.40 -8.14
C LEU A 85 -5.52 1.34 -9.24
N ASP A 86 -6.75 0.94 -9.52
CA ASP A 86 -7.01 0.04 -10.66
C ASP A 86 -6.50 0.69 -11.96
N ILE A 87 -6.77 1.98 -12.12
CA ILE A 87 -6.36 2.70 -13.32
C ILE A 87 -4.84 2.84 -13.39
N MET A 88 -4.19 3.10 -12.25
CA MET A 88 -2.73 3.19 -12.25
CA MET A 88 -2.73 3.14 -12.19
C MET A 88 -2.10 1.87 -12.73
N GLN A 89 -2.69 0.74 -12.37
CA GLN A 89 -2.19 -0.55 -12.83
C GLN A 89 -2.28 -0.66 -14.35
N LYS A 90 -3.32 -0.07 -14.94
CA LYS A 90 -3.44 -0.06 -16.39
C LYS A 90 -2.35 0.76 -17.08
N TYR A 91 -1.77 1.71 -16.37
CA TYR A 91 -0.66 2.50 -16.89
C TYR A 91 0.71 2.01 -16.39
N LYS A 92 0.74 0.82 -15.79
CA LYS A 92 1.93 0.25 -15.17
C LYS A 92 3.22 0.35 -15.99
N LYS A 93 3.13 0.07 -17.29
CA LYS A 93 4.32 0.05 -18.14
C LYS A 93 4.87 1.44 -18.41
N HIS A 94 4.18 2.46 -17.92
CA HIS A 94 4.62 3.84 -18.12
C HIS A 94 5.20 4.47 -16.87
N ILE A 95 5.19 3.72 -15.77
CA ILE A 95 5.61 4.20 -14.47
C ILE A 95 7.06 3.82 -14.23
N ASN A 96 7.86 4.77 -13.76
CA ASN A 96 9.28 4.53 -13.59
C ASN A 96 9.82 5.29 -12.38
N GLU A 97 11.13 5.34 -12.22
CA GLU A 97 11.73 5.95 -11.03
C GLU A 97 11.37 7.44 -10.89
N THR A 98 11.03 8.09 -12.00
CA THR A 98 10.69 9.52 -11.91
C THR A 98 9.35 9.75 -11.22
N HIS A 99 8.59 8.67 -11.02
CA HIS A 99 7.28 8.77 -10.38
C HIS A 99 7.30 8.59 -8.87
N ILE A 100 8.48 8.45 -8.27
CA ILE A 100 8.49 8.23 -6.82
C ILE A 100 7.84 9.38 -6.05
N PRO A 101 8.17 10.66 -6.37
CA PRO A 101 7.47 11.73 -5.65
C PRO A 101 5.94 11.71 -5.84
N PHE A 102 5.49 11.39 -7.04
CA PHE A 102 4.05 11.27 -7.32
C PHE A 102 3.42 10.20 -6.43
N LEU A 103 4.10 9.06 -6.32
CA LEU A 103 3.59 7.98 -5.48
C LEU A 103 3.64 8.34 -3.98
N GLU A 104 4.70 9.03 -3.56
CA GLU A 104 4.79 9.57 -2.20
C GLU A 104 3.58 10.41 -1.83
N GLU A 105 3.22 11.30 -2.74
CA GLU A 105 2.10 12.19 -2.48
C GLU A 105 0.79 11.43 -2.39
N LEU A 106 0.64 10.35 -3.17
CA LEU A 106 -0.55 9.51 -3.02
C LEU A 106 -0.55 8.83 -1.65
N ILE A 107 0.62 8.40 -1.19
CA ILE A 107 0.70 7.75 0.12
C ILE A 107 0.22 8.66 1.25
N VAL A 108 0.58 9.94 1.19
CA VAL A 108 0.31 10.83 2.32
C VAL A 108 -0.97 11.66 2.16
N THR A 109 -1.76 11.35 1.14
CA THR A 109 -3.07 11.99 1.02
C THR A 109 -4.17 10.91 0.99
N LYS A 110 -5.30 11.20 1.63
CA LYS A 110 -6.39 10.22 1.81
C LYS A 110 -5.82 8.90 2.33
N SER A 111 -4.93 9.01 3.33
CA SER A 111 -4.13 7.87 3.78
C SER A 111 -4.87 6.89 4.65
N TRP A 112 -4.73 5.61 4.33
CA TRP A 112 -5.19 4.55 5.21
C TRP A 112 -4.56 3.26 4.70
N TRP A 113 -4.73 2.15 5.41
CA TRP A 113 -4.00 0.94 5.04
C TRP A 113 -4.44 0.40 3.68
N ASP A 114 -5.71 0.61 3.32
CA ASP A 114 -6.20 0.05 2.06
C ASP A 114 -5.48 0.70 0.87
N SER A 115 -5.29 2.01 0.87
CA SER A 115 -4.60 2.64 -0.25
C SER A 115 -3.09 2.46 -0.17
N VAL A 116 -2.52 2.65 1.02
CA VAL A 116 -1.08 2.61 1.15
C VAL A 116 -0.53 1.22 0.82
N ASP A 117 -1.22 0.16 1.27
CA ASP A 117 -0.75 -1.19 0.97
C ASP A 117 -0.92 -1.57 -0.51
N SER A 118 -1.77 -0.84 -1.23
CA SER A 118 -1.93 -1.04 -2.67
C SER A 118 -0.93 -0.24 -3.50
N ILE A 119 -0.25 0.70 -2.88
CA ILE A 119 0.77 1.50 -3.55
C ILE A 119 2.17 0.95 -3.31
N VAL A 120 2.44 0.51 -2.08
CA VAL A 120 3.83 0.34 -1.66
C VAL A 120 4.53 -0.95 -2.14
N PRO A 121 4.02 -2.15 -1.82
CA PRO A 121 4.79 -3.34 -2.21
C PRO A 121 4.77 -3.62 -3.70
N THR A 122 3.84 -3.01 -4.41
CA THR A 122 3.69 -3.22 -5.85
C THR A 122 4.38 -2.12 -6.65
N PHE A 123 3.80 -0.93 -6.68
CA PHE A 123 4.36 0.15 -7.49
C PHE A 123 5.73 0.60 -7.00
N LEU A 124 5.85 0.92 -5.72
CA LEU A 124 7.16 1.34 -5.21
C LEU A 124 8.14 0.16 -5.13
N GLY A 125 7.65 -1.00 -4.72
CA GLY A 125 8.48 -2.19 -4.68
C GLY A 125 9.14 -2.45 -6.03
N ASP A 126 8.36 -2.36 -7.10
CA ASP A 126 8.94 -2.65 -8.42
C ASP A 126 9.99 -1.61 -8.81
N ILE A 127 9.73 -0.35 -8.48
CA ILE A 127 10.67 0.71 -8.82
C ILE A 127 12.00 0.50 -8.10
N PHE A 128 11.95 0.23 -6.80
CA PHE A 128 13.21 0.09 -6.05
C PHE A 128 13.92 -1.25 -6.34
N LEU A 129 13.19 -2.22 -6.88
CA LEU A 129 13.82 -3.47 -7.31
C LEU A 129 14.72 -3.21 -8.51
N LYS A 130 14.24 -2.35 -9.41
CA LYS A 130 14.99 -1.98 -10.61
C LYS A 130 16.06 -0.93 -10.30
N HIS A 131 15.79 -0.07 -9.32
CA HIS A 131 16.69 1.03 -8.98
C HIS A 131 17.02 1.06 -7.49
N PRO A 132 17.75 0.04 -7.00
CA PRO A 132 18.06 -0.03 -5.57
C PRO A 132 18.92 1.13 -5.10
N GLU A 133 19.63 1.76 -6.04
CA GLU A 133 20.50 2.87 -5.68
C GLU A 133 19.69 4.10 -5.24
N LEU A 134 18.39 4.09 -5.51
CA LEU A 134 17.54 5.22 -5.12
C LEU A 134 16.91 5.04 -3.75
N ILE A 135 17.00 3.85 -3.18
CA ILE A 135 16.41 3.62 -1.86
C ILE A 135 16.92 4.63 -0.83
N SER A 136 18.22 4.90 -0.82
CA SER A 136 18.74 5.81 0.20
C SER A 136 18.41 7.27 -0.06
N ALA A 137 17.77 7.58 -1.19
CA ALA A 137 17.30 8.94 -1.46
C ALA A 137 15.92 9.19 -0.85
N TYR A 138 15.27 8.12 -0.35
CA TYR A 138 13.89 8.22 0.15
C TYR A 138 13.67 7.58 1.51
N ILE A 139 14.17 6.36 1.70
CA ILE A 139 13.85 5.60 2.91
C ILE A 139 14.28 6.33 4.22
N PRO A 140 15.47 6.93 4.26
CA PRO A 140 15.82 7.64 5.51
C PRO A 140 14.85 8.76 5.84
N LYS A 141 14.40 9.50 4.84
CA LYS A 141 13.44 10.58 5.04
C LYS A 141 12.11 10.04 5.52
N TRP A 142 11.68 8.91 4.95
CA TRP A 142 10.39 8.32 5.31
C TRP A 142 10.39 7.89 6.78
N ILE A 143 11.47 7.26 7.19
CA ILE A 143 11.59 6.80 8.58
C ILE A 143 11.62 7.98 9.56
N ALA A 144 12.27 9.07 9.14
CA ALA A 144 12.46 10.25 9.98
C ALA A 144 11.22 11.14 10.05
N SER A 145 10.30 10.91 9.12
CA SER A 145 9.11 11.75 9.02
CA SER A 145 9.08 11.69 8.98
C SER A 145 8.14 11.50 10.16
N ASP A 146 7.17 12.40 10.30
CA ASP A 146 6.11 12.22 11.30
C ASP A 146 4.99 11.34 10.77
N ASN A 147 5.10 10.95 9.50
CA ASN A 147 3.97 10.32 8.84
C ASN A 147 4.04 8.80 8.93
N ILE A 148 3.09 8.18 9.63
CA ILE A 148 3.19 6.74 9.85
C ILE A 148 3.05 5.95 8.56
N TRP A 149 2.41 6.52 7.54
CA TRP A 149 2.24 5.81 6.28
C TRP A 149 3.54 5.80 5.47
N LEU A 150 4.36 6.85 5.60
CA LEU A 150 5.69 6.79 4.99
C LEU A 150 6.57 5.80 5.73
N GLN A 151 6.42 5.74 7.05
CA GLN A 151 7.18 4.75 7.83
C GLN A 151 6.76 3.33 7.43
N ARG A 152 5.46 3.11 7.28
CA ARG A 152 4.98 1.81 6.83
C ARG A 152 5.48 1.49 5.42
N ALA A 153 5.57 2.51 4.56
CA ALA A 153 6.11 2.33 3.21
C ALA A 153 7.55 1.84 3.27
N ALA A 154 8.34 2.39 4.17
CA ALA A 154 9.73 1.98 4.30
C ALA A 154 9.84 0.50 4.70
N ILE A 155 8.91 0.07 5.55
CA ILE A 155 8.89 -1.33 6.00
C ILE A 155 8.43 -2.29 4.90
N LEU A 156 7.37 -1.92 4.18
CA LEU A 156 6.69 -2.86 3.30
C LEU A 156 7.11 -2.83 1.82
N PHE A 157 7.96 -1.89 1.40
CA PHE A 157 8.23 -1.85 -0.04
C PHE A 157 8.95 -3.12 -0.50
N GLN A 158 9.65 -3.80 0.41
CA GLN A 158 10.32 -5.05 0.08
C GLN A 158 9.49 -6.31 0.30
N LEU A 159 8.20 -6.14 0.60
CA LEU A 159 7.37 -7.26 1.05
C LEU A 159 7.41 -8.48 0.15
N LYS A 160 7.39 -8.24 -1.16
CA LYS A 160 7.31 -9.32 -2.13
C LYS A 160 8.67 -9.69 -2.76
N TYR A 161 9.76 -9.20 -2.19
CA TYR A 161 11.05 -9.38 -2.83
C TYR A 161 11.57 -10.82 -2.81
N LYS A 162 11.12 -11.61 -1.84
CA LYS A 162 11.56 -13.00 -1.70
C LYS A 162 13.09 -13.08 -1.70
N GLN A 163 13.71 -13.84 -2.61
CA GLN A 163 15.17 -13.99 -2.54
C GLN A 163 15.92 -12.70 -2.89
N LYS A 164 15.22 -11.69 -3.38
CA LYS A 164 15.86 -10.41 -3.70
C LYS A 164 15.83 -9.44 -2.51
N MET A 165 15.31 -9.91 -1.38
CA MET A 165 15.31 -9.13 -0.15
C MET A 165 16.70 -8.67 0.23
N ASP A 166 16.82 -7.39 0.59
CA ASP A 166 18.05 -6.87 1.18
C ASP A 166 17.91 -7.02 2.68
N GLU A 167 18.48 -8.10 3.22
CA GLU A 167 18.29 -8.44 4.62
C GLU A 167 18.86 -7.37 5.54
N GLU A 168 20.07 -6.91 5.27
CA GLU A 168 20.67 -5.88 6.11
C GLU A 168 19.80 -4.62 6.14
N LEU A 169 19.25 -4.26 4.98
CA LEU A 169 18.40 -3.09 4.92
C LEU A 169 17.09 -3.30 5.69
N LEU A 170 16.46 -4.45 5.45
CA LEU A 170 15.22 -4.78 6.12
C LEU A 170 15.39 -4.68 7.63
N PHE A 171 16.45 -5.31 8.15
CA PHE A 171 16.60 -5.34 9.59
C PHE A 171 17.00 -3.98 10.15
N TRP A 172 17.73 -3.19 9.36
CA TRP A 172 18.05 -1.83 9.76
C TRP A 172 16.78 -0.99 9.88
N ILE A 173 15.90 -1.10 8.89
CA ILE A 173 14.63 -0.37 8.91
C ILE A 173 13.80 -0.78 10.12
N ILE A 174 13.70 -2.08 10.37
CA ILE A 174 12.92 -2.56 11.49
C ILE A 174 13.53 -2.05 12.81
N GLY A 175 14.84 -2.10 12.93
CA GLY A 175 15.49 -1.59 14.12
C GLY A 175 15.17 -0.12 14.38
N GLN A 176 15.06 0.68 13.32
CA GLN A 176 14.72 2.09 13.49
C GLN A 176 13.30 2.30 14.01
N LEU A 177 12.41 1.36 13.73
CA LEU A 177 11.00 1.56 13.99
C LEU A 177 10.43 0.62 15.06
N HIS A 178 11.30 -0.20 15.65
CA HIS A 178 10.82 -1.26 16.55
C HIS A 178 10.21 -0.74 17.85
N SER A 179 10.53 0.51 18.20
CA SER A 179 10.00 1.09 19.43
C SER A 179 8.70 1.84 19.22
N SER A 180 8.25 1.94 17.97
CA SER A 180 7.02 2.68 17.69
C SER A 180 5.85 2.05 18.42
N LYS A 181 5.02 2.91 19.01
CA LYS A 181 3.79 2.46 19.68
C LYS A 181 2.62 2.41 18.71
N GLU A 182 2.84 2.76 17.45
CA GLU A 182 1.78 2.78 16.45
CA GLU A 182 1.76 2.78 16.47
C GLU A 182 1.43 1.39 15.95
N PHE A 183 0.16 1.00 16.09
CA PHE A 183 -0.30 -0.28 15.60
C PHE A 183 0.13 -0.55 14.16
N PHE A 184 -0.08 0.43 13.26
CA PHE A 184 0.16 0.14 11.85
C PHE A 184 1.66 -0.07 11.54
N ILE A 185 2.52 0.43 12.43
CA ILE A 185 3.95 0.17 12.30
C ILE A 185 4.32 -1.19 12.90
N GLN A 186 3.85 -1.46 14.12
CA GLN A 186 4.09 -2.77 14.73
C GLN A 186 3.59 -3.91 13.84
N LYS A 187 2.41 -3.74 13.26
CA LYS A 187 1.84 -4.80 12.45
C LYS A 187 2.58 -4.96 11.13
N ALA A 188 2.99 -3.84 10.51
CA ALA A 188 3.77 -3.91 9.28
C ALA A 188 5.09 -4.66 9.50
N ILE A 189 5.74 -4.42 10.63
CA ILE A 189 6.97 -5.14 10.97
C ILE A 189 6.68 -6.63 11.08
N GLY A 190 5.59 -6.97 11.75
CA GLY A 190 5.18 -8.37 11.87
C GLY A 190 4.93 -9.02 10.53
N TRP A 191 4.20 -8.29 9.68
CA TRP A 191 3.87 -8.78 8.35
C TRP A 191 5.11 -9.04 7.49
N VAL A 192 6.01 -8.07 7.40
CA VAL A 192 7.14 -8.24 6.51
C VAL A 192 8.07 -9.37 7.00
N LEU A 193 8.20 -9.51 8.32
CA LEU A 193 8.98 -10.64 8.86
C LEU A 193 8.28 -11.99 8.60
N ARG A 194 6.97 -12.05 8.80
CA ARG A 194 6.22 -13.27 8.53
C ARG A 194 6.35 -13.67 7.07
N GLU A 195 6.26 -12.68 6.19
CA GLU A 195 6.33 -12.95 4.76
C GLU A 195 7.74 -13.36 4.36
N TYR A 196 8.75 -12.64 4.85
CA TYR A 196 10.12 -13.00 4.48
C TYR A 196 10.51 -14.36 5.06
N ALA A 197 9.88 -14.74 6.17
CA ALA A 197 10.18 -16.05 6.77
C ALA A 197 9.77 -17.20 5.86
N LYS A 198 8.89 -16.94 4.90
CA LYS A 198 8.53 -17.94 3.91
C LYS A 198 9.67 -18.27 2.96
N THR A 199 10.61 -17.31 2.84
CA THR A 199 11.79 -17.45 2.00
C THR A 199 13.01 -17.90 2.82
N ASN A 200 13.23 -17.25 3.96
CA ASN A 200 14.38 -17.53 4.81
C ASN A 200 13.97 -17.56 6.28
N PRO A 201 13.42 -18.69 6.71
CA PRO A 201 12.91 -18.77 8.09
C PRO A 201 14.02 -18.69 9.13
N ASP A 202 15.19 -19.26 8.86
CA ASP A 202 16.28 -19.24 9.85
C ASP A 202 16.65 -17.81 10.22
N VAL A 203 16.76 -16.92 9.23
CA VAL A 203 17.20 -15.56 9.51
CA VAL A 203 17.22 -15.56 9.52
C VAL A 203 16.16 -14.79 10.30
N VAL A 204 14.88 -15.04 10.01
CA VAL A 204 13.84 -14.32 10.71
C VAL A 204 13.75 -14.84 12.15
N TRP A 205 13.84 -16.15 12.32
CA TRP A 205 13.80 -16.71 13.66
C TRP A 205 14.94 -16.14 14.51
N GLU A 206 16.14 -16.11 13.95
CA GLU A 206 17.28 -15.59 14.71
C GLU A 206 17.05 -14.12 15.07
N TYR A 207 16.49 -13.37 14.12
CA TYR A 207 16.31 -11.95 14.37
C TYR A 207 15.34 -11.74 15.53
N VAL A 208 14.19 -12.43 15.50
CA VAL A 208 13.19 -12.18 16.51
C VAL A 208 13.60 -12.71 17.89
N GLN A 209 14.49 -13.69 17.93
CA GLN A 209 14.96 -14.20 19.22
C GLN A 209 16.05 -13.33 19.83
N ASN A 210 16.64 -12.44 19.05
CA ASN A 210 17.82 -11.72 19.52
C ASN A 210 17.77 -10.20 19.39
N ASN A 211 16.61 -9.68 18.99
CA ASN A 211 16.42 -8.23 18.87
C ASN A 211 15.07 -7.83 19.43
N GLU A 212 14.99 -6.63 19.99
CA GLU A 212 13.75 -6.14 20.60
C GLU A 212 12.68 -5.85 19.55
N LEU A 213 11.47 -6.32 19.82
CA LEU A 213 10.28 -6.02 19.00
C LEU A 213 9.09 -5.83 19.91
N ALA A 214 8.11 -5.06 19.46
CA ALA A 214 6.83 -5.02 20.15
C ALA A 214 6.23 -6.43 20.18
N PRO A 215 5.50 -6.77 21.25
CA PRO A 215 4.91 -8.11 21.34
C PRO A 215 4.07 -8.47 20.11
N LEU A 216 3.29 -7.52 19.59
CA LEU A 216 2.48 -7.76 18.39
C LEU A 216 3.37 -8.11 17.20
N SER A 217 4.48 -7.40 17.05
CA SER A 217 5.35 -7.63 15.91
C SER A 217 5.97 -9.04 15.97
N LYS A 218 6.47 -9.43 17.13
CA LYS A 218 7.07 -10.75 17.26
C LYS A 218 6.05 -11.87 17.01
N ARG A 219 4.88 -11.75 17.62
CA ARG A 219 3.87 -12.80 17.51
C ARG A 219 3.43 -12.94 16.06
N GLU A 220 3.24 -11.82 15.36
CA GLU A 220 2.83 -11.92 13.97
C GLU A 220 3.94 -12.48 13.10
N ALA A 221 5.19 -12.15 13.44
CA ALA A 221 6.33 -12.64 12.67
C ALA A 221 6.45 -14.15 12.69
N ILE A 222 6.17 -14.76 13.84
CA ILE A 222 6.45 -16.19 13.99
C ILE A 222 5.17 -17.03 13.96
N LYS A 223 4.07 -16.41 13.56
CA LYS A 223 2.76 -17.07 13.43
C LYS A 223 2.85 -18.46 12.81
N HIS A 224 3.68 -18.60 11.78
CA HIS A 224 3.85 -19.88 11.10
C HIS A 224 5.13 -20.58 11.51
N ILE A 225 6.25 -19.86 11.52
CA ILE A 225 7.51 -20.57 11.72
C ILE A 225 7.71 -21.07 13.16
N LYS A 226 6.85 -20.67 14.10
CA LYS A 226 6.93 -21.25 15.43
C LYS A 226 6.66 -22.76 15.37
N GLN A 227 5.97 -23.21 14.33
CA GLN A 227 5.75 -24.64 14.12
C GLN A 227 7.05 -25.34 13.71
N ASN A 228 7.93 -24.61 13.03
CA ASN A 228 9.17 -25.22 12.54
C ASN A 228 10.24 -25.33 13.61
N TYR A 229 10.18 -24.45 14.60
CA TYR A 229 11.23 -24.40 15.60
C TYR A 229 10.77 -24.86 16.98
N GLY A 230 9.46 -24.78 17.23
CA GLY A 230 8.91 -25.23 18.48
C GLY A 230 8.84 -24.10 19.48
N ILE A 231 8.02 -24.29 20.51
CA ILE A 231 7.85 -23.31 21.57
C ILE A 231 8.41 -23.90 22.87
N ASN A 232 9.60 -23.43 23.25
CA ASN A 232 10.28 -23.97 24.43
C ASN A 232 9.47 -23.80 25.70
N ASN A 233 9.53 -24.76 26.62
CA ASN A 233 8.92 -24.57 27.93
C ASN A 233 9.60 -23.43 28.68
P NRI B 6 -1.69 -9.64 7.76
O1P NRI B 6 -2.60 -10.48 8.59
O2P NRI B 6 -0.42 -9.31 8.43
O5' NRI B 6 -2.46 -8.33 7.28
C2' NRI B 6 -4.74 -5.13 6.02
C5' NRI B 6 -1.72 -7.26 6.68
C4' NRI B 6 -2.66 -6.27 6.00
C3' NRI B 6 -3.68 -5.66 6.98
C6' NRI B 6 -3.57 -6.95 4.95
N1' NRI B 6 -4.75 -6.06 4.86
O3' NRI B 6 -3.03 -4.56 7.60
N9 ADK D . -6.43 -8.76 6.49
C4 ADK D . -7.69 -9.17 6.33
N3 ADK D . -8.82 -8.67 5.67
C2 ADK D . -9.96 -9.38 5.73
N1 ADK D . -10.03 -10.51 6.38
C6 ADK D . -8.98 -11.06 7.02
N6 ADK D . -9.14 -12.33 7.72
C5 ADK D . -7.78 -10.41 7.02
N7 ADK D . -6.58 -10.66 7.55
C8 ADK D . -5.79 -9.66 7.22
C3A ADK D . -8.80 -7.47 4.99
#